data_3ROF
#
_entry.id   3ROF
#
_cell.length_a   34.810
_cell.length_b   35.100
_cell.length_c   65.510
_cell.angle_alpha   90.000
_cell.angle_beta   91.050
_cell.angle_gamma   90.000
#
_symmetry.space_group_name_H-M   'P 1 21 1'
#
loop_
_entity.id
_entity.type
_entity.pdbx_description
1 polymer 'Low molecular weight protein-tyrosine-phosphatase ptpA'
2 polymer 'Expression tag cleaved from protein-tyrosine-phosphatase ptpA'
3 non-polymer 'PHOSPHATE ION'
4 water water
#
loop_
_entity_poly.entity_id
_entity_poly.type
_entity_poly.pdbx_seq_one_letter_code
_entity_poly.pdbx_strand_id
1 'polypeptide(L)'
;AYFQGMVDVAFVCLGNICRSPMAEAIMRQRLKDRNIHDIKVHSRGTGSWNLGEPPHEGTQKILNKHNIPFDGMISELFEA
TDDFDYIVAMDQSNVDNIKSINPNLKGQLFKLLEFSNMEESDVPDPYYTNNFEGVYDMVLSSCDNLIDYIVKDANLKG
;
A
2 'polypeptide(L)' HHHHHGS B
#
# COMPACT_ATOMS: atom_id res chain seq x y z
N ALA A 1 13.33 -23.58 -10.55
CA ALA A 1 14.25 -22.72 -9.74
C ALA A 1 13.69 -21.31 -9.56
N TYR A 2 13.47 -20.94 -8.31
CA TYR A 2 12.88 -19.65 -7.96
C TYR A 2 13.97 -18.60 -7.66
N PHE A 3 13.61 -17.32 -7.79
CA PHE A 3 14.41 -16.23 -7.25
C PHE A 3 14.31 -16.31 -5.73
N GLN A 4 15.44 -16.25 -5.05
CA GLN A 4 15.48 -16.45 -3.63
C GLN A 4 15.79 -15.19 -2.86
N GLY A 5 15.47 -14.03 -3.41
CA GLY A 5 15.56 -12.82 -2.63
C GLY A 5 14.20 -12.32 -2.21
N MET A 6 14.22 -11.31 -1.38
N MET A 6 14.20 -11.34 -1.31
CA MET A 6 13.00 -10.67 -1.05
CA MET A 6 12.99 -10.68 -0.84
C MET A 6 12.67 -9.63 -2.07
C MET A 6 12.66 -9.52 -1.79
N VAL A 7 11.39 -9.37 -2.20
CA VAL A 7 10.98 -8.21 -2.94
C VAL A 7 10.14 -7.32 -2.01
N ASP A 8 10.19 -6.03 -2.29
CA ASP A 8 9.52 -5.05 -1.46
C ASP A 8 8.38 -4.42 -2.22
N VAL A 9 7.20 -4.38 -1.58
CA VAL A 9 6.05 -3.67 -2.12
C VAL A 9 5.65 -2.58 -1.17
N ALA A 10 5.45 -1.37 -1.68
CA ALA A 10 4.97 -0.25 -0.86
C ALA A 10 3.65 0.24 -1.36
N PHE A 11 2.68 0.34 -0.47
CA PHE A 11 1.45 1.07 -0.75
C PHE A 11 1.70 2.54 -0.43
N VAL A 12 1.16 3.44 -1.26
CA VAL A 12 1.41 4.88 -1.09
C VAL A 12 0.13 5.65 -1.25
N CYS A 13 -0.15 6.50 -0.27
CA CYS A 13 -1.29 7.39 -0.28
C CYS A 13 -0.79 8.79 0.06
N LEU A 14 -1.67 9.68 0.52
CA LEU A 14 -1.25 11.05 0.84
C LEU A 14 -0.71 11.13 2.26
N GLY A 15 -1.54 10.72 3.22
CA GLY A 15 -1.20 10.89 4.61
C GLY A 15 -0.47 9.73 5.28
N ASN A 16 -0.52 8.55 4.65
CA ASN A 16 -0.05 7.33 5.28
C ASN A 16 -0.70 7.14 6.66
N ILE A 17 -2.00 7.46 6.75
CA ILE A 17 -2.79 7.17 7.93
C ILE A 17 -4.04 6.38 7.62
N CYS A 18 -4.61 6.48 6.41
CA CYS A 18 -5.88 5.79 6.16
C CYS A 18 -5.66 4.65 5.17
N ARG A 19 -5.45 4.96 3.92
CA ARG A 19 -5.49 3.93 2.85
C ARG A 19 -4.30 3.00 2.82
N SER A 20 -3.09 3.56 2.72
CA SER A 20 -1.94 2.68 2.58
C SER A 20 -1.66 1.86 3.83
N PRO A 21 -1.90 2.35 5.07
CA PRO A 21 -1.71 1.45 6.19
C PRO A 21 -2.72 0.29 6.14
N MET A 22 -3.96 0.60 5.75
CA MET A 22 -4.94 -0.47 5.67
C MET A 22 -4.48 -1.56 4.69
N ALA A 23 -4.06 -1.12 3.50
CA ALA A 23 -3.59 -2.03 2.49
C ALA A 23 -2.36 -2.84 2.97
N GLU A 24 -1.41 -2.14 3.61
CA GLU A 24 -0.21 -2.80 4.10
C GLU A 24 -0.59 -3.92 5.04
N ALA A 25 -1.45 -3.62 6.02
CA ALA A 25 -1.78 -4.62 7.03
C ALA A 25 -2.51 -5.82 6.41
N ILE A 26 -3.47 -5.53 5.53
CA ILE A 26 -4.22 -6.61 4.88
C ILE A 26 -3.26 -7.49 4.06
N MET A 27 -2.40 -6.84 3.26
N MET A 27 -2.39 -6.85 3.28
CA MET A 27 -1.46 -7.55 2.41
CA MET A 27 -1.51 -7.62 2.43
C MET A 27 -0.51 -8.44 3.23
C MET A 27 -0.53 -8.46 3.26
N ARG A 28 0.03 -7.86 4.32
CA ARG A 28 0.92 -8.66 5.17
C ARG A 28 0.22 -9.89 5.71
N GLN A 29 -1.00 -9.73 6.21
CA GLN A 29 -1.71 -10.88 6.75
C GLN A 29 -2.05 -11.88 5.65
N ARG A 30 -2.43 -11.38 4.46
CA ARG A 30 -2.80 -12.26 3.38
C ARG A 30 -1.60 -13.13 2.97
N LEU A 31 -0.43 -12.51 2.87
CA LEU A 31 0.76 -13.26 2.51
C LEU A 31 1.05 -14.34 3.55
N LYS A 32 0.88 -14.01 4.82
CA LYS A 32 1.05 -14.98 5.89
CA LYS A 32 1.05 -15.00 5.88
C LYS A 32 0.07 -16.16 5.71
N ASP A 33 -1.18 -15.83 5.47
CA ASP A 33 -2.23 -16.83 5.33
C ASP A 33 -2.05 -17.72 4.08
N ARG A 34 -1.42 -17.17 3.04
CA ARG A 34 -1.11 -17.89 1.80
C ARG A 34 0.27 -18.53 1.86
N ASN A 35 0.96 -18.44 2.97
CA ASN A 35 2.28 -19.07 3.11
CA ASN A 35 2.26 -19.10 3.10
C ASN A 35 3.28 -18.61 2.08
N ILE A 36 3.24 -17.30 1.80
CA ILE A 36 4.19 -16.67 0.90
C ILE A 36 5.15 -15.81 1.72
N HIS A 37 6.46 -16.09 1.59
CA HIS A 37 7.48 -15.50 2.47
C HIS A 37 8.48 -14.46 1.92
N ASP A 38 8.51 -14.28 0.62
CA ASP A 38 9.55 -13.43 0.05
C ASP A 38 9.04 -12.09 -0.40
N ILE A 39 7.88 -11.68 0.09
CA ILE A 39 7.37 -10.34 -0.18
C ILE A 39 7.27 -9.56 1.13
N LYS A 40 7.98 -8.44 1.21
CA LYS A 40 7.95 -7.56 2.38
C LYS A 40 7.12 -6.33 2.05
N VAL A 41 6.21 -5.95 2.95
CA VAL A 41 5.26 -4.88 2.69
C VAL A 41 5.63 -3.63 3.47
N HIS A 42 5.41 -2.49 2.83
CA HIS A 42 5.71 -1.17 3.39
C HIS A 42 4.57 -0.22 3.06
N SER A 43 4.60 0.97 3.64
CA SER A 43 3.72 2.03 3.21
C SER A 43 4.36 3.39 3.42
N ARG A 44 3.93 4.35 2.60
CA ARG A 44 4.40 5.71 2.67
C ARG A 44 3.24 6.64 2.36
N GLY A 45 3.42 7.91 2.75
CA GLY A 45 2.52 8.97 2.41
C GLY A 45 3.31 10.09 1.74
N THR A 46 2.86 10.55 0.58
CA THR A 46 3.58 11.62 -0.09
C THR A 46 3.59 12.91 0.72
N GLY A 47 2.54 13.10 1.52
CA GLY A 47 2.34 14.34 2.25
C GLY A 47 2.24 14.19 3.74
N SER A 48 2.74 13.14 4.33
CA SER A 48 2.67 12.96 5.77
CA SER A 48 2.63 12.97 5.76
C SER A 48 3.45 14.07 6.47
N TRP A 49 2.79 14.80 7.35
CA TRP A 49 3.47 15.84 8.11
C TRP A 49 3.89 15.33 9.48
N ASN A 50 2.95 14.91 10.31
CA ASN A 50 3.31 14.33 11.59
C ASN A 50 3.76 12.88 11.35
N LEU A 51 5.07 12.66 11.47
CA LEU A 51 5.64 11.37 11.19
C LEU A 51 5.61 10.50 12.44
N GLY A 52 5.50 9.19 12.26
CA GLY A 52 5.57 8.29 13.38
C GLY A 52 4.25 8.11 14.08
N GLU A 53 3.15 8.47 13.46
CA GLU A 53 1.80 8.37 14.03
C GLU A 53 1.11 7.08 13.63
N PRO A 54 0.27 6.54 14.52
CA PRO A 54 -0.47 5.33 14.16
C PRO A 54 -1.52 5.63 13.09
N PRO A 55 -2.12 4.58 12.54
CA PRO A 55 -3.15 4.81 11.53
C PRO A 55 -4.34 5.57 12.12
N HIS A 56 -5.11 6.16 11.22
CA HIS A 56 -6.38 6.80 11.55
C HIS A 56 -7.26 5.82 12.29
N GLU A 57 -8.05 6.35 13.21
CA GLU A 57 -9.04 5.56 13.93
C GLU A 57 -9.86 4.69 13.01
N GLY A 58 -10.33 5.20 11.89
CA GLY A 58 -11.17 4.40 11.01
C GLY A 58 -10.46 3.17 10.45
N THR A 59 -9.16 3.30 10.15
CA THR A 59 -8.37 2.17 9.67
C THR A 59 -8.11 1.20 10.81
N GLN A 60 -7.77 1.70 12.01
CA GLN A 60 -7.59 0.79 13.13
C GLN A 60 -8.87 0.01 13.41
N LYS A 61 -10.03 0.67 13.34
CA LYS A 61 -11.27 -0.01 13.65
C LYS A 61 -11.54 -1.13 12.64
N ILE A 62 -11.34 -0.88 11.35
CA ILE A 62 -11.58 -1.90 10.33
C ILE A 62 -10.62 -3.05 10.51
N LEU A 63 -9.36 -2.75 10.76
CA LEU A 63 -8.41 -3.82 10.93
C LEU A 63 -8.72 -4.65 12.19
N ASN A 64 -9.06 -3.97 13.28
CA ASN A 64 -9.42 -4.69 14.51
C ASN A 64 -10.64 -5.59 14.29
N LYS A 65 -11.62 -5.08 13.55
CA LYS A 65 -12.89 -5.79 13.33
C LYS A 65 -12.63 -7.11 12.64
N HIS A 66 -11.61 -7.11 11.76
CA HIS A 66 -11.27 -8.29 10.95
C HIS A 66 -10.04 -9.05 11.46
N ASN A 67 -9.61 -8.71 12.68
CA ASN A 67 -8.48 -9.38 13.31
C ASN A 67 -7.21 -9.35 12.46
N ILE A 68 -6.89 -8.16 11.97
CA ILE A 68 -5.71 -7.95 11.15
C ILE A 68 -4.74 -7.10 11.98
N PRO A 69 -3.55 -7.62 12.33
CA PRO A 69 -2.63 -6.82 13.14
C PRO A 69 -1.96 -5.68 12.38
N PHE A 70 -1.68 -4.62 13.11
CA PHE A 70 -0.94 -3.48 12.57
C PHE A 70 0.12 -2.98 13.56
N ASP A 71 0.62 -3.88 14.42
CA ASP A 71 1.63 -3.55 15.42
C ASP A 71 2.83 -2.86 14.79
N GLY A 72 3.20 -1.70 15.35
CA GLY A 72 4.40 -1.01 14.93
C GLY A 72 4.24 -0.17 13.67
N MET A 73 3.08 -0.20 13.03
CA MET A 73 2.91 0.54 11.78
C MET A 73 2.63 2.02 12.10
N ILE A 74 3.47 2.87 11.52
CA ILE A 74 3.43 4.31 11.79
C ILE A 74 3.66 5.09 10.50
N SER A 75 3.27 6.36 10.53
CA SER A 75 3.33 7.18 9.32
C SER A 75 4.77 7.49 8.94
N GLU A 76 5.01 7.37 7.63
CA GLU A 76 6.32 7.57 7.03
C GLU A 76 6.19 8.33 5.71
N LEU A 77 7.02 9.33 5.56
CA LEU A 77 7.03 10.16 4.36
C LEU A 77 7.63 9.42 3.20
N PHE A 78 7.04 9.58 2.00
CA PHE A 78 7.66 9.15 0.77
C PHE A 78 8.83 10.08 0.48
N GLU A 79 10.05 9.57 0.69
CA GLU A 79 11.26 10.36 0.69
C GLU A 79 11.74 10.67 -0.69
N ALA A 80 12.64 11.65 -0.78
CA ALA A 80 13.16 12.11 -2.05
C ALA A 80 13.78 10.93 -2.85
N THR A 81 14.33 9.95 -2.15
CA THR A 81 15.01 8.84 -2.78
C THR A 81 14.31 7.50 -2.56
N ASP A 82 13.08 7.50 -2.04
CA ASP A 82 12.40 6.24 -1.78
C ASP A 82 12.10 5.51 -3.08
N ASP A 83 12.24 4.19 -3.02
CA ASP A 83 12.01 3.30 -4.16
C ASP A 83 11.81 1.90 -3.61
N PHE A 84 11.06 1.09 -4.33
CA PHE A 84 10.70 -0.25 -3.93
C PHE A 84 10.52 -1.04 -5.22
N ASP A 85 10.55 -2.36 -5.15
CA ASP A 85 10.33 -3.15 -6.36
C ASP A 85 8.95 -2.88 -6.98
N TYR A 86 7.94 -2.74 -6.12
CA TYR A 86 6.57 -2.46 -6.56
C TYR A 86 6.03 -1.35 -5.71
N ILE A 87 5.45 -0.36 -6.35
CA ILE A 87 4.85 0.80 -5.66
C ILE A 87 3.39 0.84 -6.09
N VAL A 88 2.48 0.80 -5.14
CA VAL A 88 1.07 0.68 -5.43
C VAL A 88 0.37 1.91 -4.81
N ALA A 89 0.01 2.83 -5.67
CA ALA A 89 -0.60 4.10 -5.30
C ALA A 89 -2.11 3.94 -5.19
N MET A 90 -2.74 4.83 -4.40
CA MET A 90 -4.19 4.79 -4.26
C MET A 90 -4.95 5.57 -5.31
N ASP A 91 -4.50 6.77 -5.64
CA ASP A 91 -5.22 7.61 -6.56
C ASP A 91 -4.23 8.35 -7.48
N GLN A 92 -4.78 9.07 -8.45
CA GLN A 92 -3.95 9.72 -9.45
C GLN A 92 -3.03 10.74 -8.83
N SER A 93 -3.50 11.50 -7.85
CA SER A 93 -2.62 12.49 -7.23
C SER A 93 -1.43 11.82 -6.60
N ASN A 94 -1.63 10.63 -6.03
CA ASN A 94 -0.52 9.91 -5.47
C ASN A 94 0.52 9.52 -6.54
N VAL A 95 0.06 9.01 -7.68
CA VAL A 95 0.94 8.66 -8.81
C VAL A 95 1.74 9.90 -9.21
N ASP A 96 1.03 10.99 -9.41
CA ASP A 96 1.68 12.22 -9.90
C ASP A 96 2.74 12.68 -8.89
N ASN A 97 2.36 12.71 -7.62
CA ASN A 97 3.27 13.25 -6.61
C ASN A 97 4.49 12.32 -6.40
N ILE A 98 4.28 11.00 -6.42
CA ILE A 98 5.40 10.06 -6.37
C ILE A 98 6.40 10.39 -7.47
N LYS A 99 5.94 10.56 -8.69
CA LYS A 99 6.85 10.75 -9.82
C LYS A 99 7.57 12.09 -9.74
N SER A 100 6.90 13.09 -9.17
CA SER A 100 7.55 14.40 -8.94
C SER A 100 8.60 14.35 -7.84
N ILE A 101 8.27 13.63 -6.75
CA ILE A 101 9.18 13.50 -5.61
C ILE A 101 10.43 12.70 -5.98
N ASN A 102 10.25 11.58 -6.66
CA ASN A 102 11.37 10.78 -7.13
C ASN A 102 11.24 10.45 -8.62
N PRO A 103 11.73 11.37 -9.46
CA PRO A 103 11.70 11.16 -10.91
C PRO A 103 12.64 10.04 -11.35
N ASN A 104 13.48 9.54 -10.44
CA ASN A 104 14.41 8.46 -10.73
C ASN A 104 13.90 7.10 -10.28
N LEU A 105 12.66 7.05 -9.85
CA LEU A 105 12.01 5.80 -9.41
C LEU A 105 12.30 4.70 -10.41
N LYS A 106 12.81 3.56 -9.92
CA LYS A 106 13.07 2.38 -10.77
C LYS A 106 12.07 1.25 -10.63
N GLY A 107 11.40 1.17 -9.49
CA GLY A 107 10.38 0.14 -9.30
C GLY A 107 9.20 0.34 -10.20
N GLN A 108 8.33 -0.66 -10.23
CA GLN A 108 7.09 -0.64 -11.03
C GLN A 108 6.00 0.07 -10.24
N LEU A 109 5.40 1.06 -10.87
CA LEU A 109 4.39 1.89 -10.22
C LEU A 109 3.02 1.59 -10.82
N PHE A 110 2.07 1.26 -9.96
CA PHE A 110 0.69 0.90 -10.35
C PHE A 110 -0.27 1.65 -9.44
N LYS A 111 -1.53 1.74 -9.84
CA LYS A 111 -2.64 2.03 -8.92
C LYS A 111 -3.22 0.72 -8.42
N LEU A 112 -3.64 0.71 -7.15
CA LEU A 112 -4.24 -0.45 -6.52
C LEU A 112 -5.31 -1.07 -7.39
N LEU A 113 -6.22 -0.25 -7.92
CA LEU A 113 -7.40 -0.80 -8.60
C LEU A 113 -7.11 -1.32 -10.01
N GLU A 114 -5.87 -1.18 -10.47
CA GLU A 114 -5.47 -1.88 -11.70
C GLU A 114 -5.53 -3.41 -11.51
N PHE A 115 -5.52 -3.85 -10.25
CA PHE A 115 -5.59 -5.27 -9.89
C PHE A 115 -7.01 -5.70 -9.51
N SER A 116 -8.00 -4.87 -9.83
CA SER A 116 -9.36 -5.08 -9.43
C SER A 116 -10.30 -5.05 -10.63
N ASN A 117 -11.35 -5.86 -10.53
CA ASN A 117 -12.44 -5.80 -11.49
C ASN A 117 -13.42 -4.66 -11.23
N MET A 118 -13.27 -3.97 -10.11
CA MET A 118 -14.13 -2.81 -9.88
C MET A 118 -13.93 -1.77 -10.97
N GLU A 119 -14.99 -1.06 -11.32
CA GLU A 119 -14.93 -0.06 -12.39
C GLU A 119 -14.09 1.15 -12.03
N GLU A 120 -14.01 1.43 -10.72
CA GLU A 120 -13.31 2.58 -10.21
C GLU A 120 -11.81 2.50 -10.53
N SER A 121 -11.18 3.64 -10.76
CA SER A 121 -9.73 3.72 -10.99
C SER A 121 -8.96 4.11 -9.72
N ASP A 122 -9.57 4.96 -8.91
CA ASP A 122 -8.91 5.56 -7.75
C ASP A 122 -9.66 5.21 -6.47
N VAL A 123 -8.91 5.07 -5.38
CA VAL A 123 -9.47 4.81 -4.06
C VAL A 123 -9.71 6.16 -3.40
N PRO A 124 -10.98 6.52 -3.14
CA PRO A 124 -11.25 7.82 -2.49
C PRO A 124 -10.68 7.88 -1.09
N ASP A 125 -10.32 9.07 -0.67
CA ASP A 125 -9.63 9.26 0.60
C ASP A 125 -10.63 9.31 1.76
N PRO A 126 -10.64 8.29 2.63
CA PRO A 126 -11.61 8.28 3.72
C PRO A 126 -11.27 9.23 4.84
N TYR A 127 -10.14 9.92 4.78
CA TYR A 127 -9.89 11.04 5.69
C TYR A 127 -11.08 12.01 5.60
N TYR A 128 -11.61 12.17 4.37
CA TYR A 128 -12.78 12.99 4.14
C TYR A 128 -14.05 12.16 4.18
N THR A 129 -14.13 11.07 3.42
CA THR A 129 -15.42 10.41 3.24
C THR A 129 -15.86 9.63 4.46
N ASN A 130 -14.92 9.23 5.32
CA ASN A 130 -15.17 8.32 6.42
C ASN A 130 -15.60 6.92 5.94
N ASN A 131 -15.43 6.62 4.66
CA ASN A 131 -15.88 5.35 4.12
C ASN A 131 -14.76 4.30 4.20
N PHE A 132 -14.38 3.93 5.41
CA PHE A 132 -13.31 2.97 5.59
C PHE A 132 -13.72 1.59 5.12
N GLU A 133 -15.00 1.24 5.24
CA GLU A 133 -15.45 -0.05 4.74
C GLU A 133 -15.29 -0.16 3.23
N GLY A 134 -15.56 0.93 2.52
CA GLY A 134 -15.41 0.93 1.08
C GLY A 134 -13.96 0.73 0.68
N VAL A 135 -13.05 1.34 1.41
CA VAL A 135 -11.61 1.16 1.16
C VAL A 135 -11.20 -0.29 1.38
N TYR A 136 -11.66 -0.85 2.50
CA TYR A 136 -11.42 -2.26 2.81
C TYR A 136 -11.89 -3.13 1.66
N ASP A 137 -13.11 -2.93 1.17
CA ASP A 137 -13.63 -3.74 0.08
C ASP A 137 -12.76 -3.58 -1.17
N MET A 138 -12.28 -2.36 -1.45
CA MET A 138 -11.42 -2.14 -2.60
C MET A 138 -10.11 -2.89 -2.45
N VAL A 139 -9.47 -2.85 -1.28
CA VAL A 139 -8.25 -3.62 -1.09
C VAL A 139 -8.50 -5.11 -1.26
N LEU A 140 -9.58 -5.62 -0.68
CA LEU A 140 -9.86 -7.06 -0.83
C LEU A 140 -10.08 -7.42 -2.30
N SER A 141 -10.62 -6.51 -3.11
CA SER A 141 -10.88 -6.83 -4.49
C SER A 141 -9.59 -6.97 -5.30
N SER A 142 -8.53 -6.37 -4.81
CA SER A 142 -7.22 -6.34 -5.48
C SER A 142 -6.16 -7.27 -4.91
N CYS A 143 -6.32 -7.70 -3.65
CA CYS A 143 -5.19 -8.18 -2.91
C CYS A 143 -4.61 -9.48 -3.50
N ASP A 144 -5.44 -10.49 -3.71
CA ASP A 144 -4.88 -11.74 -4.24
C ASP A 144 -4.34 -11.56 -5.66
N ASN A 145 -4.97 -10.72 -6.49
CA ASN A 145 -4.47 -10.49 -7.84
C ASN A 145 -3.11 -9.81 -7.82
N LEU A 146 -2.92 -8.85 -6.91
CA LEU A 146 -1.65 -8.20 -6.73
C LEU A 146 -0.56 -9.19 -6.28
N ILE A 147 -0.89 -9.99 -5.27
CA ILE A 147 0.05 -11.01 -4.84
C ILE A 147 0.44 -11.91 -5.99
N ASP A 148 -0.55 -12.45 -6.69
CA ASP A 148 -0.25 -13.36 -7.81
C ASP A 148 0.66 -12.68 -8.83
N TYR A 149 0.38 -11.41 -9.12
CA TYR A 149 1.19 -10.71 -10.13
C TYR A 149 2.63 -10.62 -9.66
N ILE A 150 2.85 -10.26 -8.41
CA ILE A 150 4.22 -10.13 -7.91
C ILE A 150 4.95 -11.49 -7.84
N VAL A 151 4.26 -12.52 -7.36
CA VAL A 151 4.88 -13.84 -7.31
C VAL A 151 5.34 -14.26 -8.69
N LYS A 152 4.52 -14.08 -9.71
CA LYS A 152 4.90 -14.48 -11.06
C LYS A 152 5.96 -13.54 -11.65
N ASP A 153 5.81 -12.24 -11.46
CA ASP A 153 6.71 -11.27 -12.06
C ASP A 153 8.14 -11.37 -11.50
N ALA A 154 8.23 -11.65 -10.20
CA ALA A 154 9.51 -11.76 -9.51
C ALA A 154 10.02 -13.20 -9.39
N ASN A 155 9.29 -14.16 -9.96
CA ASN A 155 9.69 -15.59 -9.97
C ASN A 155 9.88 -16.13 -8.55
N LEU A 156 8.91 -15.87 -7.69
CA LEU A 156 8.95 -16.30 -6.30
C LEU A 156 8.21 -17.63 -6.04
N LYS A 157 8.65 -18.28 -4.97
CA LYS A 157 7.95 -19.48 -4.51
C LYS A 157 6.64 -19.20 -3.74
N GLY A 158 5.62 -20.00 -3.98
CA GLY A 158 4.38 -19.92 -3.22
C GLY A 158 4.19 -21.13 -2.32
N HIS B 1 -2.97 17.63 5.92
CA HIS B 1 -3.42 16.68 4.91
C HIS B 1 -3.52 17.32 3.53
N HIS B 2 -2.37 17.77 3.03
CA HIS B 2 -2.31 18.49 1.77
C HIS B 2 -1.30 17.89 0.83
N HIS B 3 -1.54 18.06 -0.48
CA HIS B 3 -0.63 17.62 -1.53
C HIS B 3 0.54 18.56 -1.80
N HIS B 4 1.12 19.11 -0.76
CA HIS B 4 2.16 20.13 -0.95
C HIS B 4 3.47 19.53 -1.43
N HIS B 5 3.87 18.41 -0.83
CA HIS B 5 5.12 17.74 -1.18
C HIS B 5 4.99 17.09 -2.53
N GLY B 6 5.77 17.55 -3.49
CA GLY B 6 5.68 17.06 -4.84
C GLY B 6 4.89 17.93 -5.80
N SER B 7 4.34 19.05 -5.32
CA SER B 7 3.65 20.00 -6.19
C SER B 7 4.29 21.38 -6.12
#